data_1DW2
#
_entry.id   1DW2
#
_cell.length_a   83.345
_cell.length_b   103.498
_cell.length_c   113.660
_cell.angle_alpha   90.00
_cell.angle_beta   90.00
_cell.angle_gamma   90.00
#
_symmetry.space_group_name_H-M   'I 2 2 2'
#
loop_
_entity.id
_entity.type
_entity.pdbx_description
1 polymer 'CYTOCHROME C'
2 non-polymer 'PROTOPORPHYRIN IX CONTAINING FE'
3 non-polymer 'NITRIC OXIDE'
4 water water
#
_entity_poly.entity_id   1
_entity_poly.type   'polypeptide(L)'
_entity_poly.pdbx_seq_one_letter_code
;GDTSPAQLIAGYEAAAGAPADAERGRALFLSTQTGGKPDTPSCTTCHGADVTRAGQTRTGKEIAPLAPSATPDRFTDSAR
VEKWLGRNCNSVIGRDCTPGEKADLLAWLAAQ
;
_entity_poly.pdbx_strand_id   A,B,C
#
# COMPACT_ATOMS: atom_id res chain seq x y z
N GLY A 1 -14.47 55.71 2.63
CA GLY A 1 -13.70 55.84 3.88
C GLY A 1 -12.22 55.98 3.48
N ASP A 2 -11.35 55.19 4.09
CA ASP A 2 -9.95 55.24 3.64
C ASP A 2 -9.48 53.82 3.34
N THR A 3 -10.36 52.83 3.47
CA THR A 3 -9.84 51.47 3.17
C THR A 3 -10.99 50.59 2.72
N SER A 4 -10.72 49.36 2.32
CA SER A 4 -11.80 48.42 2.03
C SER A 4 -11.62 47.30 3.03
N PRO A 5 -12.66 46.51 3.23
CA PRO A 5 -12.60 45.36 4.10
C PRO A 5 -11.50 44.40 3.67
N ALA A 6 -11.36 44.08 2.38
CA ALA A 6 -10.36 43.18 1.84
C ALA A 6 -8.74 43.52 2.19
N GLN A 7 -8.66 44.85 2.11
CA GLN A 7 -7.38 45.53 2.37
C GLN A 7 -7.10 45.52 3.86
N LEU A 8 -8.09 45.68 4.71
CA LEU A 8 -7.90 45.53 6.15
C LEU A 8 -7.56 44.09 6.42
N ILE A 9 -8.34 43.17 5.87
CA ILE A 9 -8.09 41.74 6.09
C ILE A 9 -6.76 41.28 5.54
N ALA A 10 -6.45 41.63 4.28
CA ALA A 10 -5.09 41.28 3.80
C ALA A 10 -3.80 41.69 4.69
N GLY A 11 -4.02 42.85 5.34
CA GLY A 11 -2.87 43.36 6.17
C GLY A 11 -2.87 42.55 7.44
N TYR A 12 -4.05 42.19 8.00
CA TYR A 12 -4.00 41.34 9.18
C TYR A 12 -3.40 39.97 8.78
N GLU A 13 -3.77 39.42 7.63
CA GLU A 13 -3.29 38.13 7.18
C GLU A 13 -1.75 38.15 7.05
N ALA A 14 -1.23 39.25 6.51
CA ALA A 14 0.24 39.38 6.33
C ALA A 14 1.05 39.42 7.79
N ALA A 15 0.38 40.17 8.67
CA ALA A 15 0.90 40.26 10.02
C ALA A 15 0.78 38.89 10.73
N ALA A 16 -0.27 38.12 10.50
CA ALA A 16 -0.47 36.81 11.08
C ALA A 16 0.36 35.82 10.39
N GLY A 17 0.69 35.97 9.11
CA GLY A 17 1.45 34.96 8.39
C GLY A 17 0.45 33.90 7.92
N ALA A 18 -0.83 34.23 7.72
CA ALA A 18 -1.83 33.26 7.32
C ALA A 18 -3.11 33.72 6.88
N PRO A 19 -3.81 33.08 5.95
CA PRO A 19 -5.10 33.48 5.44
C PRO A 19 -6.16 33.47 6.54
N ALA A 20 -7.15 34.35 6.37
CA ALA A 20 -8.19 34.45 7.36
C ALA A 20 -9.01 33.15 7.31
N ASP A 21 -9.68 32.79 8.39
CA ASP A 21 -10.59 31.60 8.22
C ASP A 21 -11.87 32.03 8.91
N ALA A 22 -12.87 32.37 8.17
CA ALA A 22 -14.17 32.83 8.60
C ALA A 22 -14.92 31.80 9.52
N GLU A 23 -14.63 30.51 9.31
CA GLU A 23 -15.24 29.50 10.21
C GLU A 23 -14.68 29.71 11.68
N ARG A 24 -13.36 29.95 11.76
CA ARG A 24 -12.79 30.24 13.05
C ARG A 24 -13.30 31.60 13.58
N GLY A 25 -13.56 32.57 12.70
CA GLY A 25 -14.04 33.87 13.13
C GLY A 25 -15.46 33.78 13.76
N ARG A 26 -16.33 33.05 13.07
CA ARG A 26 -17.68 32.81 13.56
C ARG A 26 -17.59 32.12 14.93
N ALA A 27 -16.73 31.12 15.07
CA ALA A 27 -16.62 30.42 16.33
C ALA A 27 -16.04 31.30 17.40
N LEU A 28 -15.14 32.23 17.20
CA LEU A 28 -14.67 33.12 18.26
C LEU A 28 -15.74 34.16 18.59
N PHE A 29 -16.44 34.69 17.59
CA PHE A 29 -17.46 35.66 17.87
C PHE A 29 -18.62 35.12 18.75
N LEU A 30 -19.05 33.89 18.51
CA LEU A 30 -20.14 33.29 19.30
C LEU A 30 -19.64 32.72 20.60
N SER A 31 -18.38 32.52 20.87
CA SER A 31 -17.96 31.82 22.07
C SER A 31 -18.21 32.65 23.30
N THR A 32 -18.17 31.92 24.40
CA THR A 32 -18.31 32.51 25.72
C THR A 32 -16.91 32.52 26.30
N GLN A 33 -16.44 33.64 26.80
CA GLN A 33 -15.06 33.73 27.31
C GLN A 33 -15.17 33.98 28.80
N THR A 34 -14.11 33.62 29.50
CA THR A 34 -14.09 33.93 30.94
C THR A 34 -12.95 34.68 31.11
N GLY A 35 -12.02 35.15 30.30
CA GLY A 35 -10.89 35.96 30.75
C GLY A 35 -11.09 37.46 30.77
N GLY A 36 -12.24 38.03 30.37
CA GLY A 36 -12.31 39.49 30.34
C GLY A 36 -13.25 40.07 31.40
N LYS A 37 -13.91 41.18 31.12
CA LYS A 37 -14.88 41.71 32.07
C LYS A 37 -16.05 40.72 32.19
N PRO A 38 -16.60 40.71 33.40
CA PRO A 38 -17.69 39.81 33.79
C PRO A 38 -19.00 40.00 33.09
N ASP A 39 -19.40 41.21 32.76
CA ASP A 39 -20.58 41.61 32.08
C ASP A 39 -20.46 41.55 30.58
N THR A 40 -19.30 41.09 30.03
CA THR A 40 -19.14 40.95 28.59
C THR A 40 -18.40 39.64 28.28
N PRO A 41 -19.09 38.52 28.46
CA PRO A 41 -18.50 37.23 28.19
C PRO A 41 -18.36 36.87 26.75
N SER A 42 -19.07 37.59 25.86
CA SER A 42 -19.02 37.27 24.44
C SER A 42 -19.17 38.51 23.58
N CYS A 43 -18.73 38.44 22.35
CA CYS A 43 -18.97 39.49 21.35
C CYS A 43 -20.48 39.66 21.20
N THR A 44 -21.19 38.49 21.28
CA THR A 44 -22.66 38.53 21.17
C THR A 44 -23.31 39.21 22.33
N THR A 45 -22.74 39.44 23.50
CA THR A 45 -23.44 40.17 24.56
C THR A 45 -23.87 41.53 24.06
N CYS A 46 -23.09 42.22 23.18
CA CYS A 46 -23.66 43.46 22.69
C CYS A 46 -24.19 43.36 21.28
N HIS A 47 -23.47 42.66 20.43
CA HIS A 47 -23.86 42.62 19.04
C HIS A 47 -24.91 41.52 18.75
N GLY A 48 -25.28 40.62 19.71
CA GLY A 48 -26.23 39.58 19.35
C GLY A 48 -25.65 38.40 18.59
N ALA A 49 -26.42 37.32 18.42
CA ALA A 49 -25.96 36.14 17.67
C ALA A 49 -26.33 36.32 16.32
N ASP A 50 -27.04 37.27 15.79
CA ASP A 50 -27.32 37.52 14.40
C ASP A 50 -26.92 38.99 14.12
N VAL A 51 -25.80 39.16 13.40
CA VAL A 51 -25.20 40.48 13.20
C VAL A 51 -25.88 41.31 12.17
N THR A 52 -26.92 40.72 11.52
CA THR A 52 -27.77 41.43 10.60
C THR A 52 -28.83 42.13 11.45
N ARG A 53 -28.97 41.89 12.74
CA ARG A 53 -29.92 42.61 13.58
C ARG A 53 -29.21 43.60 14.51
N ALA A 54 -29.91 44.60 15.06
CA ALA A 54 -29.31 45.55 15.94
C ALA A 54 -28.76 44.85 17.16
N GLY A 55 -27.71 45.43 17.77
CA GLY A 55 -27.18 44.90 19.01
C GLY A 55 -27.68 45.89 20.07
N GLN A 56 -27.16 45.77 21.26
CA GLN A 56 -27.47 46.60 22.38
C GLN A 56 -26.26 46.77 23.30
N THR A 57 -26.06 47.97 23.85
CA THR A 57 -24.98 48.18 24.81
C THR A 57 -25.45 47.64 26.16
N ARG A 58 -24.59 47.67 27.17
CA ARG A 58 -24.87 47.27 28.50
C ARG A 58 -25.87 48.21 29.17
N THR A 59 -26.31 49.34 28.63
CA THR A 59 -27.43 50.02 29.27
C THR A 59 -28.69 50.04 28.39
N GLY A 60 -28.68 49.17 27.40
CA GLY A 60 -29.83 49.04 26.54
C GLY A 60 -29.91 50.03 25.43
N LYS A 61 -28.80 50.71 25.03
CA LYS A 61 -28.97 51.60 23.88
C LYS A 61 -28.71 50.72 22.67
N GLU A 62 -29.30 51.05 21.57
CA GLU A 62 -29.23 50.33 20.34
C GLU A 62 -27.88 50.46 19.61
N ILE A 63 -27.36 49.36 19.06
CA ILE A 63 -26.11 49.42 18.36
C ILE A 63 -26.48 48.99 16.95
N ALA A 64 -26.11 49.76 15.95
CA ALA A 64 -26.38 49.40 14.60
C ALA A 64 -25.75 48.04 14.30
N PRO A 65 -26.45 47.27 13.46
CA PRO A 65 -26.01 45.95 13.01
C PRO A 65 -24.56 45.88 12.60
N LEU A 66 -23.79 44.83 12.91
CA LEU A 66 -22.40 44.79 12.39
C LEU A 66 -22.28 44.37 10.95
N ALA A 67 -23.30 43.65 10.46
CA ALA A 67 -23.23 43.16 9.08
C ALA A 67 -23.27 44.27 8.07
N PRO A 68 -22.36 44.22 7.11
CA PRO A 68 -22.29 45.21 6.06
C PRO A 68 -23.56 45.17 5.19
N SER A 69 -24.22 44.01 5.10
CA SER A 69 -25.48 43.86 4.41
C SER A 69 -26.49 44.79 5.10
N ALA A 70 -26.45 45.04 6.38
CA ALA A 70 -27.37 45.97 7.01
C ALA A 70 -26.66 47.14 7.20
N THR A 71 -25.39 47.41 7.54
CA THR A 71 -24.91 48.82 7.69
C THR A 71 -23.74 48.99 6.75
N PRO A 72 -23.92 49.68 5.63
CA PRO A 72 -23.00 49.69 4.52
C PRO A 72 -21.55 50.14 4.68
N ASP A 73 -21.27 51.14 5.47
CA ASP A 73 -19.87 51.59 5.56
C ASP A 73 -19.11 50.79 6.59
N ARG A 74 -19.53 49.60 6.99
CA ARG A 74 -18.81 48.81 7.96
C ARG A 74 -17.42 48.48 7.41
N PHE A 75 -16.41 48.59 8.26
CA PHE A 75 -15.04 48.21 7.99
C PHE A 75 -14.39 49.00 6.88
N THR A 76 -14.65 50.32 6.77
CA THR A 76 -14.05 51.08 5.68
C THR A 76 -13.14 52.19 6.27
N ASP A 77 -12.82 51.98 7.53
CA ASP A 77 -12.01 53.00 8.22
C ASP A 77 -11.07 52.21 9.10
N SER A 78 -9.81 52.20 8.71
CA SER A 78 -8.90 51.37 9.49
C SER A 78 -8.78 51.79 10.93
N ALA A 79 -8.67 53.12 11.18
CA ALA A 79 -8.49 53.51 12.58
C ALA A 79 -9.63 53.05 13.38
N ARG A 80 -10.89 53.14 12.96
CA ARG A 80 -12.10 52.75 13.69
C ARG A 80 -12.17 51.29 14.10
N VAL A 81 -11.76 50.38 13.23
CA VAL A 81 -11.75 48.94 13.50
C VAL A 81 -10.77 48.70 14.62
N GLU A 82 -9.59 49.33 14.49
CA GLU A 82 -8.54 49.19 15.51
C GLU A 82 -9.01 49.80 16.79
N LYS A 83 -9.62 50.99 16.77
CA LYS A 83 -10.14 51.55 18.06
C LYS A 83 -11.16 50.64 18.76
N TRP A 84 -12.13 50.06 18.04
CA TRP A 84 -13.19 49.22 18.66
C TRP A 84 -12.70 47.84 19.03
N LEU A 85 -11.93 47.20 18.12
CA LEU A 85 -11.37 45.89 18.52
C LEU A 85 -10.42 46.01 19.68
N GLY A 86 -9.67 47.12 19.78
CA GLY A 86 -8.74 47.30 20.88
C GLY A 86 -9.56 47.38 22.20
N ARG A 87 -10.67 48.08 22.18
CA ARG A 87 -11.49 48.22 23.37
C ARG A 87 -12.20 46.88 23.67
N ASN A 88 -12.96 46.35 22.73
CA ASN A 88 -13.73 45.14 23.05
C ASN A 88 -13.08 43.79 22.96
N CYS A 89 -11.86 43.64 22.39
CA CYS A 89 -11.17 42.39 22.46
C CYS A 89 -10.80 42.26 23.94
N ASN A 90 -10.35 43.40 24.50
CA ASN A 90 -9.91 43.39 25.88
C ASN A 90 -11.10 43.11 26.79
N SER A 91 -12.25 43.74 26.66
CA SER A 91 -13.38 43.45 27.53
C SER A 91 -13.86 41.98 27.52
N VAL A 92 -13.88 41.40 26.33
CA VAL A 92 -14.42 40.04 26.18
C VAL A 92 -13.38 38.96 26.42
N ILE A 93 -12.24 39.03 25.76
CA ILE A 93 -11.22 38.02 25.90
C ILE A 93 -10.23 38.40 26.99
N GLY A 94 -10.06 39.70 27.32
CA GLY A 94 -9.07 39.96 28.36
C GLY A 94 -7.70 40.31 27.75
N ARG A 95 -7.57 40.32 26.43
CA ARG A 95 -6.28 40.74 25.85
C ARG A 95 -6.60 41.28 24.48
N ASP A 96 -5.62 41.89 23.83
CA ASP A 96 -5.82 42.30 22.47
C ASP A 96 -6.00 41.04 21.64
N CYS A 97 -6.80 41.26 20.61
CA CYS A 97 -6.95 40.20 19.64
C CYS A 97 -5.62 40.17 18.87
N THR A 98 -5.21 38.99 18.42
CA THR A 98 -4.04 38.89 17.59
C THR A 98 -4.42 39.20 16.15
N PRO A 99 -3.43 39.46 15.34
CA PRO A 99 -3.68 39.70 13.92
C PRO A 99 -4.41 38.52 13.31
N GLY A 100 -4.14 37.26 13.63
CA GLY A 100 -4.91 36.13 13.06
C GLY A 100 -6.38 36.18 13.51
N GLU A 101 -6.61 36.56 14.78
CA GLU A 101 -8.04 36.62 15.18
C GLU A 101 -8.78 37.71 14.43
N LYS A 102 -8.10 38.86 14.30
CA LYS A 102 -8.74 39.99 13.63
C LYS A 102 -9.02 39.63 12.19
N ALA A 103 -8.09 38.99 11.51
CA ALA A 103 -8.29 38.56 10.14
C ALA A 103 -9.56 37.55 10.03
N ASP A 104 -9.55 36.61 10.94
CA ASP A 104 -10.66 35.60 10.96
C ASP A 104 -12.01 36.23 11.28
N LEU A 105 -12.08 37.09 12.28
CA LEU A 105 -13.30 37.79 12.67
C LEU A 105 -13.83 38.70 11.58
N LEU A 106 -12.97 39.54 10.96
CA LEU A 106 -13.45 40.40 9.90
C LEU A 106 -13.83 39.62 8.65
N ALA A 107 -13.10 38.56 8.35
CA ALA A 107 -13.52 37.73 7.19
C ALA A 107 -15.04 37.09 7.32
N TRP A 108 -15.30 36.73 8.59
CA TRP A 108 -16.67 36.24 8.83
C TRP A 108 -17.61 37.44 8.83
N LEU A 109 -17.30 38.54 9.55
CA LEU A 109 -18.26 39.65 9.61
C LEU A 109 -18.50 40.32 8.28
N ALA A 110 -17.43 40.44 7.45
CA ALA A 110 -17.57 41.05 6.16
C ALA A 110 -18.49 40.36 5.17
N ALA A 111 -18.70 39.05 5.34
CA ALA A 111 -19.64 38.33 4.51
C ALA A 111 -21.01 38.31 5.07
N GLN A 112 -21.40 38.96 6.16
CA GLN A 112 -22.82 38.88 6.53
C GLN A 112 -23.62 40.01 5.89
CA GLY B 1 29.21 -38.06 3.23
C GLY B 1 28.19 -39.19 3.31
N ASP B 2 28.49 -40.43 2.94
CA ASP B 2 27.61 -41.58 2.97
C ASP B 2 27.04 -42.09 1.65
N THR B 3 26.81 -41.26 0.65
CA THR B 3 26.22 -41.83 -0.56
C THR B 3 26.56 -40.89 -1.72
N SER B 4 25.97 -41.12 -2.87
CA SER B 4 26.22 -40.30 -4.05
C SER B 4 24.97 -40.41 -4.90
N PRO B 5 24.81 -39.48 -5.85
CA PRO B 5 23.66 -39.46 -6.70
C PRO B 5 23.36 -40.81 -7.35
N ALA B 6 24.38 -41.51 -7.88
CA ALA B 6 24.02 -42.79 -8.55
C ALA B 6 23.51 -43.90 -7.65
N GLN B 7 23.99 -43.94 -6.44
CA GLN B 7 23.55 -44.96 -5.51
C GLN B 7 22.15 -44.60 -4.97
N LEU B 8 21.92 -43.32 -4.69
CA LEU B 8 20.58 -42.91 -4.24
C LEU B 8 19.53 -43.20 -5.30
N ILE B 9 19.81 -42.89 -6.55
CA ILE B 9 18.84 -43.19 -7.62
C ILE B 9 18.58 -44.70 -7.73
N ALA B 10 19.63 -45.54 -7.74
CA ALA B 10 19.51 -47.00 -7.84
C ALA B 10 18.63 -47.63 -6.76
N GLY B 11 18.80 -47.12 -5.54
CA GLY B 11 18.01 -47.55 -4.39
C GLY B 11 16.53 -47.13 -4.54
N TYR B 12 16.20 -45.94 -5.02
CA TYR B 12 14.78 -45.62 -5.20
C TYR B 12 14.19 -46.44 -6.34
N GLU B 13 14.97 -46.67 -7.39
CA GLU B 13 14.57 -47.47 -8.53
C GLU B 13 14.21 -48.91 -8.08
N ALA B 14 15.06 -49.51 -7.28
CA ALA B 14 14.81 -50.84 -6.76
C ALA B 14 13.42 -50.79 -5.94
N ALA B 15 13.21 -49.73 -5.18
CA ALA B 15 11.92 -49.69 -4.47
C ALA B 15 10.98 -49.29 -5.35
N ALA B 16 10.86 -48.60 -6.45
CA ALA B 16 9.68 -48.39 -7.23
C ALA B 16 9.54 -49.41 -8.13
N GLY B 17 10.39 -50.38 -8.46
CA GLY B 17 10.30 -51.38 -9.51
C GLY B 17 10.41 -50.97 -10.94
N ALA B 18 11.01 -49.82 -11.27
CA ALA B 18 11.17 -49.24 -12.55
C ALA B 18 12.39 -48.15 -12.57
N PRO B 19 13.11 -48.23 -13.67
CA PRO B 19 14.21 -47.30 -13.90
C PRO B 19 13.67 -45.86 -13.82
N ALA B 20 14.52 -44.93 -13.39
CA ALA B 20 14.06 -43.56 -13.19
C ALA B 20 13.79 -42.93 -14.52
N ASP B 21 12.82 -42.00 -14.52
CA ASP B 21 12.58 -41.22 -15.74
C ASP B 21 12.74 -39.72 -15.48
N ALA B 22 13.83 -39.16 -15.98
CA ALA B 22 14.13 -37.74 -15.86
C ALA B 22 13.14 -36.86 -16.42
N GLU B 23 12.42 -37.13 -17.47
CA GLU B 23 11.39 -36.27 -18.00
C GLU B 23 10.19 -36.18 -17.07
N ARG B 24 9.75 -37.29 -16.49
CA ARG B 24 8.74 -37.21 -15.46
C ARG B 24 9.26 -36.46 -14.23
N GLY B 25 10.54 -36.59 -13.91
CA GLY B 25 11.03 -35.90 -12.68
C GLY B 25 10.96 -34.37 -12.93
N ARG B 26 11.33 -33.96 -14.15
CA ARG B 26 11.23 -32.53 -14.48
C ARG B 26 9.82 -31.96 -14.38
N ALA B 27 8.87 -32.72 -14.98
CA ALA B 27 7.47 -32.28 -15.02
C ALA B 27 6.98 -32.23 -13.66
N LEU B 28 7.30 -33.15 -12.75
CA LEU B 28 6.79 -33.04 -11.38
C LEU B 28 7.44 -31.81 -10.74
N PHE B 29 8.76 -31.66 -10.84
CA PHE B 29 9.45 -30.54 -10.18
C PHE B 29 8.86 -29.18 -10.51
N LEU B 30 8.60 -28.91 -11.80
CA LEU B 30 8.06 -27.67 -12.25
C LEU B 30 6.53 -27.56 -12.12
N SER B 31 5.80 -28.61 -11.78
CA SER B 31 4.33 -28.53 -11.76
C SER B 31 3.75 -27.66 -10.65
N THR B 32 2.47 -27.33 -10.77
CA THR B 32 1.74 -26.56 -9.77
C THR B 32 0.82 -27.58 -9.06
N GLN B 33 0.96 -27.68 -7.77
CA GLN B 33 0.21 -28.66 -7.00
C GLN B 33 -0.81 -27.96 -6.08
N THR B 34 -2.05 -28.41 -5.98
CA THR B 34 -3.02 -27.82 -5.06
C THR B 34 -3.17 -28.52 -3.72
N GLY B 35 -2.63 -29.71 -3.52
CA GLY B 35 -2.78 -30.49 -2.35
C GLY B 35 -2.06 -30.25 -1.08
N GLY B 36 -1.18 -29.29 -0.88
CA GLY B 36 -0.54 -29.28 0.47
C GLY B 36 -0.69 -27.84 0.97
N LYS B 37 0.34 -27.22 1.47
CA LYS B 37 0.25 -25.83 1.93
C LYS B 37 -0.11 -24.96 0.74
N PRO B 38 -0.97 -23.97 0.98
CA PRO B 38 -1.46 -23.08 -0.05
C PRO B 38 -0.36 -22.09 -0.42
N ASP B 39 0.59 -21.80 0.47
CA ASP B 39 1.65 -20.89 0.02
C ASP B 39 2.83 -21.57 -0.65
N THR B 40 2.84 -22.90 -0.85
CA THR B 40 3.96 -23.55 -1.54
C THR B 40 3.38 -24.43 -2.63
N PRO B 41 3.06 -23.88 -3.78
CA PRO B 41 2.40 -24.62 -4.84
C PRO B 41 3.30 -25.41 -5.80
N SER B 42 4.63 -25.23 -5.67
CA SER B 42 5.56 -25.94 -6.53
C SER B 42 6.88 -26.09 -5.84
N CYS B 43 7.72 -27.03 -6.33
CA CYS B 43 9.11 -27.16 -5.86
C CYS B 43 9.86 -25.88 -6.23
N THR B 44 9.46 -25.25 -7.34
CA THR B 44 10.11 -24.00 -7.76
C THR B 44 9.86 -22.82 -6.84
N THR B 45 8.87 -22.87 -5.95
CA THR B 45 8.65 -21.81 -4.97
C THR B 45 9.94 -21.51 -4.23
N CYS B 46 10.70 -22.53 -3.82
CA CYS B 46 11.99 -22.23 -3.18
C CYS B 46 13.23 -22.47 -4.03
N HIS B 47 13.27 -23.48 -4.86
CA HIS B 47 14.47 -23.76 -5.63
C HIS B 47 14.55 -23.02 -6.94
N GLY B 48 13.46 -22.46 -7.40
CA GLY B 48 13.42 -21.81 -8.71
C GLY B 48 13.20 -22.85 -9.80
N ALA B 49 12.93 -22.45 -11.04
CA ALA B 49 12.78 -23.35 -12.14
C ALA B 49 14.14 -23.67 -12.72
N ASP B 50 15.18 -22.84 -12.60
CA ASP B 50 16.51 -23.28 -13.11
C ASP B 50 17.38 -23.60 -11.88
N VAL B 51 17.70 -24.89 -11.77
CA VAL B 51 18.33 -25.36 -10.57
C VAL B 51 19.85 -25.26 -10.61
N THR B 52 20.39 -24.62 -11.66
CA THR B 52 21.84 -24.29 -11.70
C THR B 52 21.99 -22.87 -11.11
N ARG B 53 20.90 -22.24 -10.69
CA ARG B 53 20.93 -20.95 -10.00
C ARG B 53 20.46 -21.11 -8.58
N ALA B 54 20.84 -20.23 -7.68
CA ALA B 54 20.45 -20.33 -6.30
C ALA B 54 18.96 -20.15 -6.08
N GLY B 55 18.38 -20.77 -5.07
CA GLY B 55 16.96 -20.59 -4.74
C GLY B 55 16.92 -19.62 -3.53
N GLN B 56 15.77 -19.63 -2.86
CA GLN B 56 15.56 -18.79 -1.68
C GLN B 56 14.41 -19.32 -0.83
N THR B 57 14.54 -19.07 0.46
CA THR B 57 13.45 -19.48 1.41
C THR B 57 12.42 -18.37 1.42
N ARG B 58 11.36 -18.42 2.22
CA ARG B 58 10.31 -17.43 2.27
C ARG B 58 10.81 -16.38 2.85
N THR B 59 11.88 -16.16 3.61
CA THR B 59 12.33 -14.87 4.09
C THR B 59 13.45 -14.32 3.24
N GLY B 60 13.78 -14.93 2.10
CA GLY B 60 14.79 -14.31 1.26
C GLY B 60 16.22 -14.81 1.47
N LYS B 61 16.40 -15.77 2.36
CA LYS B 61 17.71 -16.34 2.58
C LYS B 61 17.89 -17.55 1.07
N GLU B 62 19.18 -17.29 0.95
CA GLU B 62 20.03 -18.05 0.11
C GLU B 62 19.81 -19.54 -0.01
N ILE B 63 19.44 -20.15 -1.12
CA ILE B 63 19.52 -21.62 -1.04
C ILE B 63 20.49 -21.96 -2.17
N ALA B 64 21.56 -22.71 -1.87
CA ALA B 64 22.49 -23.09 -2.94
C ALA B 64 21.77 -23.97 -4.08
N PRO B 65 22.31 -23.83 -5.27
CA PRO B 65 21.77 -24.48 -6.43
C PRO B 65 21.53 -25.97 -6.23
N LEU B 66 20.51 -26.56 -6.85
CA LEU B 66 20.31 -27.99 -6.60
C LEU B 66 21.17 -28.85 -7.51
N ALA B 67 21.54 -28.29 -8.64
CA ALA B 67 22.35 -29.08 -9.56
C ALA B 67 23.73 -29.32 -9.01
N PRO B 68 24.17 -30.57 -9.06
CA PRO B 68 25.48 -31.05 -8.65
C PRO B 68 26.59 -30.46 -9.52
N SER B 69 26.30 -30.02 -10.74
CA SER B 69 27.36 -29.31 -11.46
C SER B 69 27.66 -27.95 -10.84
N ALA B 70 26.72 -27.33 -10.12
CA ALA B 70 26.96 -26.05 -9.46
C ALA B 70 27.36 -26.28 -8.04
N THR B 71 26.82 -27.32 -7.37
CA THR B 71 27.18 -27.59 -5.97
C THR B 71 27.46 -29.09 -5.79
N PRO B 72 28.77 -29.39 -5.87
CA PRO B 72 29.33 -30.70 -5.92
C PRO B 72 28.92 -31.69 -4.87
N ASP B 73 28.65 -31.32 -3.65
CA ASP B 73 28.22 -32.29 -2.65
C ASP B 73 26.71 -32.49 -2.62
N ARG B 74 25.93 -32.06 -3.62
CA ARG B 74 24.48 -32.36 -3.63
C ARG B 74 24.24 -33.85 -3.62
N PHE B 75 23.22 -34.30 -2.90
CA PHE B 75 22.76 -35.70 -2.87
C PHE B 75 23.80 -36.71 -2.44
N THR B 76 24.62 -36.43 -1.44
CA THR B 76 25.63 -37.30 -0.92
C THR B 76 25.28 -37.70 0.51
N ASP B 77 24.16 -37.27 1.04
CA ASP B 77 23.75 -37.60 2.40
C ASP B 77 22.33 -38.15 2.37
N SER B 78 22.22 -39.49 2.53
CA SER B 78 20.92 -40.13 2.42
C SER B 78 19.89 -39.60 3.42
N ALA B 79 20.39 -39.27 4.60
CA ALA B 79 19.48 -38.79 5.64
C ALA B 79 18.88 -37.38 5.25
N ARG B 80 19.81 -36.57 4.78
CA ARG B 80 19.52 -35.22 4.37
C ARG B 80 18.49 -35.16 3.26
N VAL B 81 18.65 -36.05 2.28
CA VAL B 81 17.70 -36.08 1.19
C VAL B 81 16.30 -36.45 1.64
N GLU B 82 16.21 -37.50 2.45
CA GLU B 82 14.90 -38.00 2.95
C GLU B 82 14.25 -36.95 3.87
N LYS B 83 15.08 -36.28 4.66
CA LYS B 83 14.52 -35.25 5.56
C LYS B 83 13.80 -34.18 4.75
N TRP B 84 14.57 -33.52 3.87
CA TRP B 84 14.00 -32.47 3.04
C TRP B 84 12.90 -32.94 2.14
N LEU B 85 13.03 -34.09 1.47
CA LEU B 85 11.94 -34.58 0.64
C LEU B 85 10.69 -34.85 1.47
N GLY B 86 10.87 -35.34 2.72
CA GLY B 86 9.69 -35.61 3.52
C GLY B 86 8.95 -34.31 3.86
N ARG B 87 9.71 -33.29 4.27
CA ARG B 87 9.01 -32.03 4.54
C ARG B 87 8.39 -31.43 3.29
N ASN B 88 9.11 -31.38 2.15
CA ASN B 88 8.50 -30.62 1.06
C ASN B 88 7.75 -31.44 0.07
N CYS B 89 7.81 -32.78 0.08
CA CYS B 89 6.78 -33.43 -0.75
C CYS B 89 5.46 -33.07 -0.04
N ASN B 90 5.44 -33.21 1.30
CA ASN B 90 4.16 -32.96 2.02
C ASN B 90 3.67 -31.54 1.81
N SER B 91 4.52 -30.50 1.90
CA SER B 91 4.08 -29.13 1.71
C SER B 91 3.62 -28.86 0.29
N VAL B 92 4.35 -29.40 -0.71
CA VAL B 92 3.95 -29.04 -2.06
C VAL B 92 2.83 -29.98 -2.51
N ILE B 93 3.09 -31.29 -2.43
CA ILE B 93 2.07 -32.22 -2.95
C ILE B 93 1.05 -32.60 -1.87
N GLY B 94 1.33 -32.51 -0.58
CA GLY B 94 0.27 -32.90 0.39
C GLY B 94 0.45 -34.36 0.76
N ARG B 95 1.51 -35.07 0.42
CA ARG B 95 1.75 -36.44 0.83
C ARG B 95 3.26 -36.74 0.53
N ASP B 96 3.68 -37.90 1.01
CA ASP B 96 5.06 -38.30 0.81
C ASP B 96 5.30 -38.55 -0.67
N CYS B 97 6.49 -38.27 -1.21
CA CYS B 97 6.71 -38.60 -2.61
C CYS B 97 6.78 -40.14 -2.65
N THR B 98 6.41 -40.79 -3.73
CA THR B 98 6.62 -42.25 -3.79
C THR B 98 8.11 -42.47 -4.18
N PRO B 99 8.65 -43.66 -4.00
CA PRO B 99 10.00 -44.04 -4.41
C PRO B 99 10.22 -43.75 -5.88
N GLY B 100 9.27 -44.03 -6.72
CA GLY B 100 9.30 -43.79 -8.15
C GLY B 100 9.42 -42.29 -8.42
N GLU B 101 8.68 -41.47 -7.69
CA GLU B 101 8.79 -40.01 -7.81
C GLU B 101 10.18 -39.50 -7.38
N LYS B 102 10.70 -40.02 -6.30
CA LYS B 102 12.04 -39.66 -5.84
C LYS B 102 13.12 -40.05 -6.85
N ALA B 103 13.03 -41.21 -7.45
CA ALA B 103 13.98 -41.70 -8.44
C ALA B 103 14.01 -40.69 -9.66
N ASP B 104 12.76 -40.43 -10.12
CA ASP B 104 12.55 -39.56 -11.23
C ASP B 104 13.12 -38.13 -11.01
N LEU B 105 12.85 -37.54 -9.85
CA LEU B 105 13.25 -36.23 -9.46
C LEU B 105 14.78 -36.16 -9.38
N LEU B 106 15.38 -37.13 -8.72
CA LEU B 106 16.84 -37.11 -8.59
C LEU B 106 17.55 -37.31 -9.92
N ALA B 107 16.98 -38.19 -10.74
CA ALA B 107 17.63 -38.43 -12.05
C ALA B 107 17.68 -37.16 -12.80
N TRP B 108 16.59 -36.36 -12.76
CA TRP B 108 16.57 -35.10 -13.45
C TRP B 108 17.55 -34.10 -12.79
N LEU B 109 17.40 -33.89 -11.51
CA LEU B 109 18.27 -32.92 -10.84
C LEU B 109 19.74 -33.27 -11.02
N ALA B 110 20.09 -34.55 -10.88
CA ALA B 110 21.50 -34.92 -10.91
C ALA B 110 22.09 -34.80 -12.25
N ALA B 111 21.37 -34.61 -13.36
CA ALA B 111 22.05 -34.49 -14.60
C ALA B 111 22.08 -33.02 -14.89
N GLN B 112 21.73 -32.06 -14.05
CA GLN B 112 21.74 -30.69 -14.47
C GLN B 112 23.17 -30.10 -14.15
N GLY C 1 3.75 3.60 -23.22
CA GLY C 1 4.76 3.70 -22.13
C GLY C 1 6.07 3.20 -22.70
N ASP C 2 7.00 2.81 -21.84
CA ASP C 2 8.23 2.26 -22.42
C ASP C 2 8.13 0.76 -22.70
N THR C 3 7.06 0.02 -22.32
CA THR C 3 7.25 -1.43 -22.54
C THR C 3 5.97 -2.15 -22.85
N SER C 4 5.97 -3.49 -22.75
CA SER C 4 4.68 -4.20 -23.02
C SER C 4 4.75 -5.38 -22.06
N PRO C 5 3.64 -6.04 -21.79
CA PRO C 5 3.66 -7.19 -20.90
C PRO C 5 4.61 -8.23 -21.49
N ALA C 6 4.60 -8.51 -22.76
CA ALA C 6 5.58 -9.47 -23.29
C ALA C 6 6.95 -9.03 -23.11
N GLN C 7 7.41 -7.78 -23.23
CA GLN C 7 8.80 -7.40 -23.06
C GLN C 7 9.21 -7.54 -21.60
N LEU C 8 8.32 -7.19 -20.67
CA LEU C 8 8.62 -7.36 -19.27
C LEU C 8 8.77 -8.83 -18.92
N ILE C 9 7.84 -9.67 -19.36
CA ILE C 9 7.94 -11.11 -19.07
C ILE C 9 9.23 -11.67 -19.66
N ALA C 10 9.57 -11.31 -20.92
CA ALA C 10 10.82 -11.89 -21.49
C ALA C 10 11.96 -11.37 -20.74
N GLY C 11 12.04 -10.16 -20.22
CA GLY C 11 13.25 -9.77 -19.45
C GLY C 11 13.29 -10.50 -18.11
N TYR C 12 12.16 -10.84 -17.50
CA TYR C 12 12.17 -11.56 -16.25
C TYR C 12 12.56 -12.99 -16.46
N GLU C 13 12.11 -13.60 -17.55
CA GLU C 13 12.48 -14.98 -17.88
C GLU C 13 14.00 -15.09 -18.08
N ALA C 14 14.63 -14.10 -18.72
CA ALA C 14 16.10 -14.16 -18.91
C ALA C 14 16.79 -14.03 -17.74
N ALA C 15 16.47 -13.23 -16.73
CA ALA C 15 17.14 -13.20 -15.44
C ALA C 15 16.79 -14.51 -14.59
N ALA C 16 15.66 -15.15 -14.89
CA ALA C 16 15.30 -16.35 -14.14
C ALA C 16 15.91 -17.42 -14.77
N GLY C 17 16.27 -17.54 -16.05
CA GLY C 17 16.82 -18.77 -16.66
C GLY C 17 15.71 -19.72 -17.05
N ALA C 18 14.45 -19.28 -17.10
CA ALA C 18 13.32 -20.17 -17.39
C ALA C 18 12.13 -19.48 -17.89
N PRO C 19 11.34 -20.12 -18.73
CA PRO C 19 10.15 -19.53 -19.28
C PRO C 19 9.07 -19.37 -18.21
N ALA C 20 8.15 -18.45 -18.42
CA ALA C 20 7.06 -18.17 -17.48
C ALA C 20 6.04 -19.34 -17.63
N ASP C 21 5.31 -19.56 -16.55
CA ASP C 21 4.29 -20.55 -16.37
C ASP C 21 3.08 -19.84 -15.74
N ALA C 22 2.06 -19.65 -16.57
CA ALA C 22 0.87 -18.93 -16.10
C ALA C 22 0.02 -19.64 -15.00
N GLU C 23 0.07 -20.95 -15.01
CA GLU C 23 -0.60 -21.80 -14.01
C GLU C 23 0.08 -21.59 -12.66
N ARG C 24 1.44 -21.58 -12.65
CA ARG C 24 2.18 -21.33 -11.46
C ARG C 24 1.87 -19.88 -11.04
N GLY C 25 1.76 -18.93 -11.99
CA GLY C 25 1.48 -17.54 -11.61
C GLY C 25 0.09 -17.38 -10.94
N ARG C 26 -0.92 -18.01 -11.51
CA ARG C 26 -2.29 -17.98 -10.99
C ARG C 26 -2.31 -18.48 -9.54
N ALA C 27 -1.64 -19.59 -9.29
CA ALA C 27 -1.60 -20.17 -7.96
C ALA C 27 -0.87 -19.32 -7.13
N LEU C 28 0.20 -18.60 -7.31
CA LEU C 28 0.83 -17.67 -6.39
C LEU C 28 -0.07 -16.47 -6.11
N PHE C 29 -0.67 -15.88 -7.13
CA PHE C 29 -1.50 -14.74 -6.98
C PHE C 29 -2.71 -15.05 -6.04
N LEU C 30 -3.35 -16.19 -6.23
CA LEU C 30 -4.51 -16.53 -5.45
C LEU C 30 -4.12 -17.08 -4.10
N SER C 31 -2.90 -17.55 -3.90
CA SER C 31 -2.58 -18.22 -2.64
C SER C 31 -2.74 -17.32 -1.42
N THR C 32 -2.84 -17.95 -0.26
CA THR C 32 -2.90 -17.33 1.05
C THR C 32 -1.48 -17.56 1.65
N GLN C 33 -0.78 -16.50 1.96
CA GLN C 33 0.63 -16.62 2.35
C GLN C 33 0.68 -16.30 3.84
N THR C 34 1.56 -16.99 4.54
CA THR C 34 1.62 -16.67 5.96
C THR C 34 2.86 -15.88 6.32
N GLY C 35 3.71 -15.37 5.43
CA GLY C 35 4.89 -14.70 5.90
C GLY C 35 5.01 -13.22 5.66
N GLY C 36 3.95 -12.51 5.31
CA GLY C 36 4.34 -11.05 5.16
C GLY C 36 3.72 -10.36 6.38
N LYS C 37 3.11 -9.26 6.03
CA LYS C 37 2.33 -8.46 6.93
C LYS C 37 1.01 -9.23 7.09
N PRO C 38 0.51 -9.24 8.31
CA PRO C 38 -0.75 -9.85 8.68
C PRO C 38 -1.95 -9.26 7.99
N ASP C 39 -1.99 -7.96 7.65
CA ASP C 39 -3.15 -7.38 6.98
C ASP C 39 -3.15 -7.56 5.49
N THR C 40 -2.07 -8.21 4.94
CA THR C 40 -2.10 -8.54 3.54
C THR C 40 -1.68 -9.99 3.29
N PRO C 41 -2.58 -10.97 3.53
CA PRO C 41 -2.32 -12.35 3.27
C PRO C 41 -2.24 -12.79 1.81
N SER C 42 -2.75 -12.02 0.87
CA SER C 42 -2.73 -12.48 -0.51
C SER C 42 -2.70 -11.31 -1.42
N CYS C 43 -2.28 -11.50 -2.67
CA CYS C 43 -2.39 -10.42 -3.67
C CYS C 43 -3.87 -10.02 -3.78
N THR C 44 -4.71 -11.06 -3.69
CA THR C 44 -6.18 -10.95 -3.76
C THR C 44 -6.79 -10.04 -2.71
N THR C 45 -6.11 -9.77 -1.61
CA THR C 45 -6.54 -8.88 -0.55
C THR C 45 -6.85 -7.53 -1.13
N CYS C 46 -6.05 -7.02 -2.09
CA CYS C 46 -6.37 -5.78 -2.74
C CYS C 46 -6.92 -5.91 -4.15
N HIS C 47 -6.55 -6.90 -4.95
CA HIS C 47 -6.98 -6.94 -6.33
C HIS C 47 -8.17 -7.90 -6.48
N GLY C 48 -8.54 -8.60 -5.40
CA GLY C 48 -9.66 -9.53 -5.56
C GLY C 48 -9.16 -10.80 -6.26
N ALA C 49 -10.04 -11.78 -6.35
CA ALA C 49 -9.79 -13.07 -6.97
C ALA C 49 -10.17 -13.18 -8.64
N ASP C 50 -10.86 -12.09 -8.91
CA ASP C 50 -11.22 -11.87 -10.31
C ASP C 50 -10.62 -10.55 -10.71
N VAL C 51 -9.52 -10.54 -11.51
CA VAL C 51 -8.84 -9.27 -11.80
C VAL C 51 -9.50 -8.46 -12.89
N THR C 52 -10.56 -8.99 -13.50
CA THR C 52 -11.29 -8.15 -14.43
C THR C 52 -12.25 -7.23 -13.65
N ARG C 53 -12.34 -7.32 -12.32
CA ARG C 53 -13.19 -6.43 -11.57
C ARG C 53 -12.27 -5.49 -10.82
N ALA C 54 -12.85 -4.40 -10.32
CA ALA C 54 -12.07 -3.44 -9.56
C ALA C 54 -11.64 -4.00 -8.29
N GLY C 55 -10.51 -3.53 -7.74
CA GLY C 55 -9.92 -3.94 -6.49
C GLY C 55 -9.96 -2.76 -5.50
N GLN C 56 -9.28 -2.94 -4.38
CA GLN C 56 -9.13 -1.80 -3.51
C GLN C 56 -8.11 -1.97 -2.41
N THR C 57 -7.73 -0.74 -2.05
CA THR C 57 -6.67 -0.57 -1.07
C THR C 57 -7.23 -0.95 0.28
N ARG C 58 -6.36 -1.05 1.24
CA ARG C 58 -6.73 -1.38 2.58
C ARG C 58 -7.80 -0.45 3.15
N THR C 59 -7.84 0.84 2.84
CA THR C 59 -8.85 1.73 3.36
C THR C 59 -10.13 1.77 2.52
N GLY C 60 -10.25 1.09 1.40
CA GLY C 60 -11.48 1.08 0.64
C GLY C 60 -11.42 1.87 -0.66
N LYS C 61 -10.29 2.53 -0.94
CA LYS C 61 -10.14 3.26 -2.20
C LYS C 61 -9.98 2.29 -3.41
N GLU C 62 -10.76 2.55 -4.42
CA GLU C 62 -10.86 1.74 -5.63
C GLU C 62 -9.51 1.68 -6.34
N ILE C 63 -9.23 0.54 -6.98
CA ILE C 63 -8.01 0.34 -7.75
C ILE C 63 -8.55 -0.25 -9.05
N ALA C 64 -8.16 0.29 -10.17
CA ALA C 64 -8.73 -0.20 -11.43
C ALA C 64 -8.37 -1.58 -11.60
N PRO C 65 -9.13 -2.39 -12.31
CA PRO C 65 -8.81 -3.78 -12.52
C PRO C 65 -7.37 -4.01 -12.95
N LEU C 66 -6.81 -5.17 -12.52
CA LEU C 66 -5.45 -5.47 -13.00
C LEU C 66 -5.51 -6.04 -14.41
N ALA C 67 -6.63 -6.62 -14.84
CA ALA C 67 -6.66 -7.25 -16.15
C ALA C 67 -6.51 -6.20 -17.31
N PRO C 68 -5.59 -6.52 -18.23
CA PRO C 68 -5.37 -5.68 -19.38
C PRO C 68 -6.66 -5.63 -20.18
N SER C 69 -7.49 -6.67 -20.22
CA SER C 69 -8.73 -6.65 -20.95
C SER C 69 -9.65 -5.53 -20.41
N ALA C 70 -9.50 -5.14 -19.15
CA ALA C 70 -10.32 -4.09 -18.59
C ALA C 70 -9.63 -2.86 -18.41
N THR C 71 -8.30 -2.80 -18.24
CA THR C 71 -7.54 -1.58 -18.05
C THR C 71 -6.37 -1.65 -19.04
N PRO C 72 -6.62 -1.12 -20.21
CA PRO C 72 -5.68 -1.12 -21.32
C PRO C 72 -4.20 -0.93 -21.13
N ASP C 73 -3.77 0.05 -20.37
CA ASP C 73 -2.34 0.30 -20.21
C ASP C 73 -1.70 -0.44 -19.05
N ARG C 74 -2.31 -1.54 -18.59
CA ARG C 74 -1.61 -2.28 -17.52
C ARG C 74 -0.26 -2.77 -18.07
N PHE C 75 0.78 -2.87 -17.26
CA PHE C 75 2.05 -3.45 -17.60
C PHE C 75 2.73 -2.81 -18.82
N THR C 76 2.59 -1.50 -19.00
CA THR C 76 3.21 -0.77 -20.09
C THR C 76 4.18 0.26 -19.54
N ASP C 77 4.41 0.28 -18.25
CA ASP C 77 5.39 1.17 -17.62
C ASP C 77 6.31 0.38 -16.72
N SER C 78 7.56 0.12 -17.09
CA SER C 78 8.47 -0.68 -16.31
C SER C 78 8.56 -0.21 -14.87
N ALA C 79 8.82 1.10 -14.80
CA ALA C 79 8.98 1.80 -13.57
C ALA C 79 7.86 1.39 -12.44
N ARG C 80 6.68 1.62 -13.01
CA ARG C 80 5.43 1.39 -12.28
C ARG C 80 5.32 -0.07 -11.83
N VAL C 81 5.56 -1.01 -12.73
CA VAL C 81 5.54 -2.44 -12.34
C VAL C 81 6.53 -2.65 -11.24
N GLU C 82 7.82 -2.32 -11.43
CA GLU C 82 8.83 -2.59 -10.43
C GLU C 82 8.52 -1.93 -9.09
N LYS C 83 7.95 -0.74 -9.10
CA LYS C 83 7.60 0.01 -7.90
C LYS C 83 6.54 -0.76 -7.07
N TRP C 84 5.43 -1.11 -7.68
CA TRP C 84 4.40 -1.85 -6.94
C TRP C 84 4.81 -3.25 -6.52
N LEU C 85 5.37 -4.12 -7.36
CA LEU C 85 5.82 -5.44 -6.97
C LEU C 85 6.82 -5.39 -5.84
N GLY C 86 7.62 -4.33 -5.86
CA GLY C 86 8.64 -4.07 -4.87
C GLY C 86 7.96 -3.97 -3.51
N ARG C 87 7.03 -3.04 -3.40
CA ARG C 87 6.35 -2.89 -2.13
C ARG C 87 5.51 -4.12 -1.76
N ASN C 88 4.70 -4.65 -2.67
CA ASN C 88 3.77 -5.71 -2.26
C ASN C 88 4.21 -7.14 -2.27
N CYS C 89 5.29 -7.52 -2.98
CA CYS C 89 5.77 -8.90 -2.79
C CYS C 89 6.19 -9.03 -1.35
N ASN C 90 6.93 -8.03 -0.82
CA ASN C 90 7.37 -8.10 0.55
C ASN C 90 6.21 -8.18 1.56
N SER C 91 5.18 -7.36 1.50
CA SER C 91 4.05 -7.50 2.43
C SER C 91 3.33 -8.83 2.33
N VAL C 92 3.05 -9.32 1.13
CA VAL C 92 2.30 -10.54 0.97
C VAL C 92 3.15 -11.75 1.28
N ILE C 93 4.33 -11.88 0.61
CA ILE C 93 5.08 -13.12 0.72
C ILE C 93 6.12 -12.99 1.82
N GLY C 94 6.69 -11.81 2.03
CA GLY C 94 7.73 -11.79 3.07
C GLY C 94 9.10 -11.50 2.42
N ARG C 95 9.17 -11.34 1.12
CA ARG C 95 10.46 -11.11 0.45
C ARG C 95 10.15 -10.65 -0.94
N ASP C 96 11.13 -10.16 -1.69
CA ASP C 96 10.79 -9.73 -3.02
C ASP C 96 10.33 -10.96 -3.80
N CYS C 97 9.59 -10.68 -4.85
CA CYS C 97 9.26 -11.69 -5.82
C CYS C 97 10.56 -11.91 -6.65
N THR C 98 10.85 -13.16 -6.99
CA THR C 98 12.02 -13.42 -7.84
C THR C 98 11.59 -13.08 -9.26
N PRO C 99 12.56 -12.97 -10.19
CA PRO C 99 12.24 -12.72 -11.57
C PRO C 99 11.40 -13.86 -12.12
N GLY C 100 11.60 -15.11 -11.73
CA GLY C 100 10.74 -16.22 -12.23
C GLY C 100 9.29 -16.01 -11.76
N GLU C 101 9.03 -15.62 -10.49
CA GLU C 101 7.68 -15.40 -9.98
C GLU C 101 7.06 -14.23 -10.71
N LYS C 102 7.82 -13.15 -10.94
CA LYS C 102 7.32 -12.04 -11.65
C LYS C 102 6.93 -12.43 -13.08
N ALA C 103 7.75 -13.24 -13.75
CA ALA C 103 7.40 -13.69 -15.08
C ALA C 103 6.05 -14.56 -15.00
N ASP C 104 6.01 -15.46 -14.02
CA ASP C 104 4.77 -16.29 -13.89
C ASP C 104 3.53 -15.44 -13.67
N LEU C 105 3.73 -14.53 -12.66
CA LEU C 105 2.53 -13.68 -12.34
C LEU C 105 2.00 -12.86 -13.50
N LEU C 106 2.94 -12.22 -14.19
CA LEU C 106 2.56 -11.39 -15.31
C LEU C 106 2.10 -12.25 -16.46
N ALA C 107 2.57 -13.46 -16.69
CA ALA C 107 2.06 -14.26 -17.78
C ALA C 107 0.56 -14.55 -17.46
N TRP C 108 0.17 -14.78 -16.22
CA TRP C 108 -1.24 -15.06 -15.92
C TRP C 108 -2.07 -13.78 -15.97
N LEU C 109 -1.57 -12.68 -15.39
CA LEU C 109 -2.32 -11.43 -15.37
C LEU C 109 -2.56 -10.80 -16.72
N ALA C 110 -1.55 -10.82 -17.62
CA ALA C 110 -1.72 -10.22 -18.92
C ALA C 110 -2.56 -10.96 -19.71
N ALA C 111 -2.96 -12.23 -19.57
CA ALA C 111 -3.88 -12.97 -20.37
C ALA C 111 -5.48 -12.78 -19.86
N GLN C 112 -5.50 -11.91 -18.83
CA GLN C 112 -6.87 -11.68 -18.29
C GLN C 112 -7.57 -10.59 -19.11
#